data_1U1K
#
_entry.id   1U1K
#
_cell.length_a   51.797
_cell.length_b   51.797
_cell.length_c   171.067
_cell.angle_alpha   90.00
_cell.angle_beta   90.00
_cell.angle_gamma   90.00
#
_symmetry.space_group_name_H-M   'P 43 21 2'
#
loop_
_entity.id
_entity.type
_entity.pdbx_description
1 polymer "5'-D(*TP*AP*GP*GP*GP*TP*TP*(7DA)P*GP*GP*G)-3'"
2 polymer 'Heterogeneous nuclear ribonucleoprotein A1'
3 water water
#
loop_
_entity_poly.entity_id
_entity_poly.type
_entity_poly.pdbx_seq_one_letter_code
_entity_poly.pdbx_strand_id
1 'polydeoxyribonucleotide' (DT)(DA)(DG)(DG)(DG)(DT)(DT)(7DA)(DG)(DG)(DG) B
2 'polypeptide(L)'
;MSKSESPKEPEQLRKLFIGGLSFETTDESLRSHFEQWGTLTDCVVMRDPNTKRSRGFGFVTYATVEEVDAAMNARPHKVD
GRVVEPKRAVSREDSQRPGAHLTVKKIFVGGIKEDTEEHHLRDYFEQYGKIEVIEIMTDRGSGKKRGFAFVTFDDHDSVD
KIVIQKYHTVNGHNCEVRKALSKQEMASASSSQRGR
;
A
#
# COMPACT_ATOMS: atom_id res chain seq x y z
N LYS B 8 -3.21 21.76 1.39
CA LYS B 8 -3.81 20.59 0.69
C LYS B 8 -2.91 19.38 0.86
N GLU B 9 -3.52 18.20 0.98
CA GLU B 9 -2.79 16.97 1.14
C GLU B 9 -1.81 16.77 -0.03
N PRO B 10 -0.69 16.08 0.20
CA PRO B 10 0.33 15.82 -0.82
C PRO B 10 -0.16 15.01 -2.01
N GLU B 11 0.17 15.46 -3.22
CA GLU B 11 -0.22 14.77 -4.45
C GLU B 11 -0.02 13.25 -4.32
N GLN B 12 1.15 12.84 -3.85
CA GLN B 12 1.48 11.42 -3.72
C GLN B 12 0.45 10.61 -2.91
N LEU B 13 -0.09 11.20 -1.85
CA LEU B 13 -1.08 10.50 -1.02
C LEU B 13 -2.50 10.61 -1.57
N ARG B 14 -2.68 11.46 -2.57
CA ARG B 14 -3.99 11.63 -3.19
C ARG B 14 -4.07 10.85 -4.50
N LYS B 15 -3.03 10.08 -4.80
CA LYS B 15 -2.97 9.32 -6.05
C LYS B 15 -3.05 7.80 -5.96
N LEU B 16 -3.73 7.21 -6.95
CA LEU B 16 -3.88 5.77 -7.03
C LEU B 16 -3.33 5.20 -8.33
N PHE B 17 -2.64 4.07 -8.21
CA PHE B 17 -2.10 3.38 -9.36
C PHE B 17 -3.23 2.42 -9.75
N ILE B 18 -3.58 2.38 -11.03
CA ILE B 18 -4.65 1.48 -11.48
C ILE B 18 -4.01 0.42 -12.37
N GLY B 19 -3.93 -0.81 -11.88
CA GLY B 19 -3.32 -1.88 -12.64
C GLY B 19 -4.25 -2.79 -13.42
N GLY B 20 -3.71 -3.44 -14.45
CA GLY B 20 -4.49 -4.35 -15.27
C GLY B 20 -5.55 -3.72 -16.17
N LEU B 21 -5.31 -2.48 -16.60
CA LEU B 21 -6.26 -1.76 -17.46
C LEU B 21 -6.50 -2.49 -18.77
N SER B 22 -7.75 -2.46 -19.24
CA SER B 22 -8.09 -3.09 -20.52
C SER B 22 -7.29 -2.40 -21.62
N PHE B 23 -7.02 -3.12 -22.71
CA PHE B 23 -6.25 -2.56 -23.81
C PHE B 23 -6.90 -1.29 -24.38
N GLU B 24 -8.22 -1.19 -24.24
CA GLU B 24 -8.95 -0.05 -24.77
C GLU B 24 -9.27 1.09 -23.80
N THR B 25 -8.77 1.01 -22.57
CA THR B 25 -9.04 2.08 -21.60
C THR B 25 -8.25 3.34 -21.94
N THR B 26 -8.94 4.48 -21.97
CA THR B 26 -8.31 5.77 -22.27
C THR B 26 -8.46 6.74 -21.11
N ASP B 27 -7.75 7.86 -21.17
CA ASP B 27 -7.85 8.86 -20.10
C ASP B 27 -9.31 9.19 -19.82
N GLU B 28 -10.07 9.40 -20.88
CA GLU B 28 -11.48 9.74 -20.75
C GLU B 28 -12.33 8.64 -20.12
N SER B 29 -12.12 7.38 -20.52
CA SER B 29 -12.91 6.28 -19.96
C SER B 29 -12.51 6.02 -18.51
N LEU B 30 -11.23 6.19 -18.20
CA LEU B 30 -10.74 5.98 -16.84
C LEU B 30 -11.34 7.06 -15.94
N ARG B 31 -11.23 8.31 -16.39
CA ARG B 31 -11.76 9.45 -15.64
C ARG B 31 -13.23 9.23 -15.38
N SER B 32 -13.95 8.88 -16.43
CA SER B 32 -15.39 8.65 -16.34
C SER B 32 -15.76 7.70 -15.18
N HIS B 33 -15.00 6.60 -15.04
CA HIS B 33 -15.29 5.64 -13.98
C HIS B 33 -14.94 6.10 -12.57
N PHE B 34 -13.69 6.49 -12.36
CA PHE B 34 -13.23 6.92 -11.04
C PHE B 34 -13.76 8.26 -10.57
N GLU B 35 -14.30 9.05 -11.50
CA GLU B 35 -14.84 10.34 -11.14
C GLU B 35 -16.07 10.15 -10.26
N GLN B 36 -16.58 8.93 -10.21
CA GLN B 36 -17.76 8.60 -9.41
C GLN B 36 -17.52 8.71 -7.91
N TRP B 37 -16.26 8.83 -7.50
CA TRP B 37 -15.95 8.93 -6.08
C TRP B 37 -15.27 10.24 -5.70
N GLY B 38 -15.21 11.18 -6.63
CA GLY B 38 -14.58 12.45 -6.33
C GLY B 38 -14.01 13.20 -7.52
N THR B 39 -13.58 14.43 -7.27
CA THR B 39 -12.99 15.27 -8.30
C THR B 39 -11.56 14.78 -8.57
N LEU B 40 -11.25 14.51 -9.83
CA LEU B 40 -9.93 14.04 -10.21
C LEU B 40 -9.11 15.22 -10.69
N THR B 41 -7.97 15.46 -10.04
CA THR B 41 -7.09 16.56 -10.40
C THR B 41 -6.08 16.10 -11.45
N ASP B 42 -6.10 14.80 -11.74
CA ASP B 42 -5.21 14.22 -12.71
C ASP B 42 -5.67 12.79 -13.00
N CYS B 43 -5.65 12.42 -14.28
CA CYS B 43 -6.08 11.08 -14.71
C CYS B 43 -5.35 10.77 -16.00
N VAL B 44 -4.60 9.67 -16.01
CA VAL B 44 -3.86 9.34 -17.21
C VAL B 44 -3.51 7.87 -17.38
N VAL B 45 -3.48 7.44 -18.64
CA VAL B 45 -3.13 6.08 -18.99
C VAL B 45 -1.72 6.14 -19.58
N MET B 46 -0.80 5.39 -18.99
CA MET B 46 0.58 5.38 -19.47
C MET B 46 0.64 4.61 -20.78
N ARG B 47 1.33 5.17 -21.77
CA ARG B 47 1.43 4.52 -23.06
C ARG B 47 2.89 4.41 -23.46
N ASP B 48 3.16 3.61 -24.47
CA ASP B 48 4.53 3.44 -24.95
C ASP B 48 4.97 4.72 -25.63
N PRO B 49 6.09 5.30 -25.16
CA PRO B 49 6.67 6.54 -25.70
C PRO B 49 6.80 6.53 -27.22
N ASN B 50 6.83 5.32 -27.80
CA ASN B 50 6.99 5.16 -29.23
C ASN B 50 5.69 4.73 -29.93
N THR B 51 5.28 3.48 -29.71
CA THR B 51 4.07 2.94 -30.33
C THR B 51 2.79 3.61 -29.85
N LYS B 52 2.89 4.42 -28.80
CA LYS B 52 1.73 5.12 -28.25
C LYS B 52 0.63 4.16 -27.80
N ARG B 53 1.00 2.89 -27.65
CA ARG B 53 0.07 1.85 -27.23
C ARG B 53 0.00 1.89 -25.70
N SER B 54 -1.15 1.52 -25.14
CA SER B 54 -1.35 1.51 -23.69
C SER B 54 -0.45 0.49 -23.00
N ARG B 55 0.22 0.89 -21.94
CA ARG B 55 1.09 -0.02 -21.22
C ARG B 55 0.28 -0.84 -20.22
N GLY B 56 -1.03 -0.64 -20.20
CA GLY B 56 -1.88 -1.41 -19.31
C GLY B 56 -2.03 -0.93 -17.87
N PHE B 57 -1.75 0.35 -17.63
CA PHE B 57 -1.88 0.92 -16.29
C PHE B 57 -1.93 2.45 -16.35
N GLY B 58 -2.49 3.06 -15.31
CA GLY B 58 -2.57 4.50 -15.27
C GLY B 58 -2.60 5.03 -13.85
N PHE B 59 -2.95 6.29 -13.70
CA PHE B 59 -3.04 6.92 -12.39
C PHE B 59 -4.22 7.88 -12.31
N VAL B 60 -4.88 7.90 -11.16
CA VAL B 60 -5.99 8.79 -10.91
C VAL B 60 -5.66 9.51 -9.60
N THR B 61 -5.87 10.81 -9.56
CA THR B 61 -5.57 11.61 -8.39
C THR B 61 -6.78 12.43 -7.97
N TYR B 62 -7.21 12.25 -6.73
CA TYR B 62 -8.36 12.98 -6.21
C TYR B 62 -7.97 14.27 -5.50
N ALA B 63 -8.96 15.12 -5.24
CA ALA B 63 -8.73 16.39 -4.58
C ALA B 63 -8.38 16.18 -3.09
N THR B 64 -8.84 15.07 -2.51
CA THR B 64 -8.57 14.76 -1.11
C THR B 64 -8.36 13.26 -0.90
N VAL B 65 -7.54 12.89 0.08
CA VAL B 65 -7.28 11.48 0.34
C VAL B 65 -8.57 10.81 0.81
N GLU B 66 -9.49 11.61 1.33
CA GLU B 66 -10.76 11.06 1.78
C GLU B 66 -11.44 10.41 0.57
N GLU B 67 -11.44 11.12 -0.55
CA GLU B 67 -12.05 10.62 -1.78
C GLU B 67 -11.31 9.37 -2.25
N VAL B 68 -10.00 9.34 -2.01
CA VAL B 68 -9.20 8.18 -2.39
C VAL B 68 -9.74 6.99 -1.60
N ASP B 69 -9.95 7.20 -0.30
CA ASP B 69 -10.47 6.14 0.56
C ASP B 69 -11.82 5.63 0.06
N ALA B 70 -12.67 6.56 -0.37
CA ALA B 70 -13.98 6.17 -0.87
C ALA B 70 -13.78 5.21 -2.04
N ALA B 71 -12.89 5.59 -2.96
CA ALA B 71 -12.61 4.75 -4.12
C ALA B 71 -12.13 3.36 -3.68
N MET B 72 -11.13 3.30 -2.81
CA MET B 72 -10.64 2.00 -2.35
C MET B 72 -11.71 1.20 -1.63
N ASN B 73 -12.61 1.88 -0.94
CA ASN B 73 -13.69 1.19 -0.25
C ASN B 73 -14.72 0.69 -1.26
N ALA B 74 -14.59 1.12 -2.52
CA ALA B 74 -15.52 0.74 -3.56
C ALA B 74 -15.05 -0.45 -4.40
N ARG B 75 -13.98 -1.11 -3.98
CA ARG B 75 -13.50 -2.29 -4.71
C ARG B 75 -14.61 -3.35 -4.57
N PRO B 76 -14.71 -4.28 -5.55
CA PRO B 76 -13.90 -4.44 -6.75
C PRO B 76 -14.27 -3.42 -7.81
N HIS B 77 -13.32 -3.06 -8.65
CA HIS B 77 -13.55 -2.11 -9.72
C HIS B 77 -13.49 -2.80 -11.08
N LYS B 78 -14.42 -2.43 -11.95
CA LYS B 78 -14.46 -2.99 -13.29
C LYS B 78 -14.53 -1.82 -14.26
N VAL B 79 -13.47 -1.67 -15.06
CA VAL B 79 -13.39 -0.57 -16.03
C VAL B 79 -13.39 -1.09 -17.45
N ASP B 80 -14.33 -0.60 -18.26
CA ASP B 80 -14.45 -1.00 -19.65
C ASP B 80 -14.58 -2.52 -19.76
N GLY B 81 -15.40 -3.10 -18.89
CA GLY B 81 -15.62 -4.54 -18.90
C GLY B 81 -14.42 -5.37 -18.46
N ARG B 82 -13.60 -4.82 -17.59
CA ARG B 82 -12.41 -5.54 -17.11
C ARG B 82 -12.12 -5.21 -15.65
N VAL B 83 -11.78 -6.23 -14.87
CA VAL B 83 -11.48 -6.03 -13.46
C VAL B 83 -10.08 -5.44 -13.35
N VAL B 84 -9.98 -4.27 -12.74
CA VAL B 84 -8.69 -3.61 -12.57
C VAL B 84 -8.23 -3.69 -11.11
N GLU B 85 -6.97 -3.36 -10.87
CA GLU B 85 -6.44 -3.40 -9.52
C GLU B 85 -5.91 -2.05 -9.07
N PRO B 86 -6.71 -1.32 -8.27
CA PRO B 86 -6.35 0.00 -7.72
C PRO B 86 -5.49 -0.14 -6.48
N LYS B 87 -4.41 0.64 -6.41
CA LYS B 87 -3.50 0.59 -5.26
C LYS B 87 -2.95 1.96 -4.94
N ARG B 88 -2.54 2.14 -3.69
CA ARG B 88 -1.94 3.41 -3.26
C ARG B 88 -0.67 3.57 -4.09
N ALA B 89 -0.48 4.74 -4.67
CA ALA B 89 0.71 4.98 -5.50
C ALA B 89 2.01 4.98 -4.70
N VAL B 90 2.94 4.14 -5.11
CA VAL B 90 4.24 4.04 -4.48
C VAL B 90 5.15 5.01 -5.19
N SER B 91 5.65 6.00 -4.47
CA SER B 91 6.51 7.02 -5.07
C SER B 91 7.65 6.40 -5.87
N ARG B 92 8.18 7.19 -6.81
CA ARG B 92 9.30 6.74 -7.64
C ARG B 92 10.47 6.28 -6.76
N GLU B 93 10.75 7.03 -5.70
CA GLU B 93 11.84 6.70 -4.78
C GLU B 93 11.65 5.34 -4.11
N ASP B 94 10.47 5.09 -3.57
CA ASP B 94 10.20 3.82 -2.89
C ASP B 94 9.96 2.67 -3.85
N SER B 95 9.74 2.99 -5.13
CA SER B 95 9.52 1.96 -6.14
C SER B 95 10.84 1.24 -6.43
N GLN B 96 11.92 1.83 -5.94
CA GLN B 96 13.25 1.25 -6.11
C GLN B 96 13.42 0.02 -5.22
N ARG B 97 12.67 -0.03 -4.13
CA ARG B 97 12.77 -1.16 -3.20
C ARG B 97 12.26 -2.48 -3.77
N PRO B 98 12.94 -3.59 -3.45
CA PRO B 98 12.51 -4.89 -3.96
C PRO B 98 11.15 -5.26 -3.37
N GLY B 99 10.24 -5.74 -4.23
CA GLY B 99 8.92 -6.14 -3.79
C GLY B 99 7.98 -4.97 -3.52
N ALA B 100 8.48 -3.76 -3.75
CA ALA B 100 7.71 -2.54 -3.53
C ALA B 100 6.28 -2.53 -4.06
N HIS B 101 6.05 -3.18 -5.20
CA HIS B 101 4.71 -3.18 -5.78
C HIS B 101 3.91 -4.46 -5.59
N LEU B 102 4.42 -5.39 -4.80
CA LEU B 102 3.71 -6.65 -4.57
C LEU B 102 2.51 -6.47 -3.64
N THR B 103 1.50 -7.31 -3.83
CA THR B 103 0.28 -7.25 -3.01
C THR B 103 0.50 -8.09 -1.76
N VAL B 104 0.82 -7.43 -0.64
CA VAL B 104 1.06 -8.15 0.62
C VAL B 104 0.11 -7.74 1.74
N LYS B 105 -0.08 -8.64 2.70
CA LYS B 105 -0.95 -8.41 3.84
C LYS B 105 -0.20 -8.34 5.17
N LYS B 106 1.07 -8.69 5.14
CA LYS B 106 1.90 -8.69 6.34
C LYS B 106 3.00 -7.63 6.30
N ILE B 107 3.21 -6.97 7.43
CA ILE B 107 4.24 -5.93 7.54
C ILE B 107 5.32 -6.28 8.55
N PHE B 108 6.53 -5.81 8.28
CA PHE B 108 7.67 -6.01 9.16
C PHE B 108 7.72 -4.73 9.97
N VAL B 109 7.75 -4.87 11.30
CA VAL B 109 7.80 -3.70 12.17
C VAL B 109 9.14 -3.77 12.90
N GLY B 110 10.05 -2.87 12.52
CA GLY B 110 11.38 -2.88 13.10
C GLY B 110 11.75 -1.74 14.04
N GLY B 111 12.45 -2.10 15.10
CA GLY B 111 12.89 -1.12 16.07
C GLY B 111 11.92 -0.89 17.22
N ILE B 112 11.34 -1.95 17.78
CA ILE B 112 10.41 -1.81 18.91
C ILE B 112 11.14 -2.16 20.20
N LYS B 113 10.82 -1.44 21.28
CA LYS B 113 11.44 -1.64 22.59
C LYS B 113 11.23 -3.05 23.14
N GLU B 114 12.03 -3.38 24.15
CA GLU B 114 11.95 -4.69 24.80
C GLU B 114 10.62 -4.95 25.47
N ASP B 115 10.07 -3.91 26.09
CA ASP B 115 8.82 -4.02 26.81
C ASP B 115 7.58 -3.82 25.94
N THR B 116 7.77 -3.95 24.62
CA THR B 116 6.64 -3.81 23.71
C THR B 116 5.72 -5.01 23.85
N GLU B 117 4.42 -4.77 23.89
CA GLU B 117 3.42 -5.83 24.02
C GLU B 117 2.37 -5.69 22.92
N GLU B 118 1.58 -6.74 22.72
CA GLU B 118 0.59 -6.70 21.65
C GLU B 118 -0.37 -5.52 21.65
N HIS B 119 -0.81 -5.08 22.84
CA HIS B 119 -1.74 -3.95 22.87
C HIS B 119 -1.11 -2.68 22.28
N HIS B 120 0.20 -2.54 22.43
CA HIS B 120 0.89 -1.37 21.87
C HIS B 120 0.72 -1.35 20.36
N LEU B 121 0.87 -2.53 19.75
CA LEU B 121 0.77 -2.66 18.30
C LEU B 121 -0.67 -2.42 17.84
N ARG B 122 -1.64 -2.95 18.58
CA ARG B 122 -3.04 -2.75 18.25
C ARG B 122 -3.41 -1.28 18.36
N ASP B 123 -2.98 -0.63 19.45
CA ASP B 123 -3.31 0.79 19.64
C ASP B 123 -2.85 1.70 18.52
N TYR B 124 -1.87 1.25 17.74
CA TYR B 124 -1.43 2.06 16.61
C TYR B 124 -1.93 1.52 15.27
N PHE B 125 -1.86 0.21 15.08
CA PHE B 125 -2.27 -0.39 13.80
C PHE B 125 -3.75 -0.69 13.52
N GLU B 126 -4.58 -0.90 14.55
CA GLU B 126 -5.99 -1.20 14.28
C GLU B 126 -6.70 -0.13 13.43
N GLN B 127 -6.30 1.12 13.57
CA GLN B 127 -6.94 2.19 12.81
C GLN B 127 -6.74 2.05 11.31
N TYR B 128 -5.81 1.18 10.89
CA TYR B 128 -5.54 0.97 9.49
C TYR B 128 -6.34 -0.17 8.87
N GLY B 129 -6.86 -1.05 9.71
CA GLY B 129 -7.65 -2.16 9.21
C GLY B 129 -7.71 -3.35 10.15
N LYS B 130 -8.51 -4.35 9.79
CA LYS B 130 -8.65 -5.55 10.60
C LYS B 130 -7.34 -6.29 10.72
N ILE B 131 -6.91 -6.52 11.95
CA ILE B 131 -5.68 -7.25 12.22
C ILE B 131 -6.02 -8.73 12.41
N GLU B 132 -5.29 -9.59 11.72
CA GLU B 132 -5.53 -11.04 11.84
C GLU B 132 -4.47 -11.72 12.70
N VAL B 133 -3.22 -11.29 12.56
CA VAL B 133 -2.13 -11.89 13.32
C VAL B 133 -1.13 -10.88 13.85
N ILE B 134 -0.57 -11.17 15.02
CA ILE B 134 0.44 -10.32 15.65
C ILE B 134 1.52 -11.24 16.21
N GLU B 135 2.78 -10.95 15.87
CA GLU B 135 3.90 -11.76 16.31
C GLU B 135 5.12 -10.94 16.71
N ILE B 136 5.40 -10.87 18.01
CA ILE B 136 6.57 -10.15 18.51
C ILE B 136 7.66 -11.22 18.52
N MET B 137 8.63 -11.08 17.64
CA MET B 137 9.68 -12.07 17.50
C MET B 137 10.71 -12.17 18.62
N THR B 138 11.07 -13.42 18.93
CA THR B 138 12.02 -13.75 19.97
C THR B 138 13.08 -14.68 19.43
N ASP B 139 14.22 -14.73 20.13
CA ASP B 139 15.32 -15.59 19.74
C ASP B 139 14.99 -17.04 20.05
N ARG B 140 15.24 -17.92 19.08
CA ARG B 140 14.98 -19.34 19.27
C ARG B 140 15.97 -19.89 20.29
N GLY B 141 15.48 -20.37 21.42
CA GLY B 141 16.37 -20.90 22.44
C GLY B 141 16.70 -19.93 23.55
N SER B 142 16.92 -18.66 23.20
CA SER B 142 17.25 -17.67 24.21
C SER B 142 15.98 -17.04 24.82
N GLY B 143 14.94 -16.95 24.01
CA GLY B 143 13.70 -16.36 24.49
C GLY B 143 13.81 -14.83 24.47
N LYS B 144 14.98 -14.33 24.11
CA LYS B 144 15.19 -12.88 24.06
C LYS B 144 14.41 -12.21 22.93
N LYS B 145 13.90 -11.00 23.21
CA LYS B 145 13.17 -10.22 22.21
C LYS B 145 14.17 -9.79 21.18
N ARG B 146 13.78 -9.82 19.91
CA ARG B 146 14.69 -9.44 18.83
C ARG B 146 14.50 -8.00 18.34
N GLY B 147 13.52 -7.30 18.91
CA GLY B 147 13.29 -5.93 18.51
C GLY B 147 12.47 -5.72 17.24
N PHE B 148 11.63 -6.69 16.88
CA PHE B 148 10.78 -6.55 15.69
C PHE B 148 9.58 -7.50 15.74
N ALA B 149 8.53 -7.12 15.02
CA ALA B 149 7.32 -7.91 14.98
C ALA B 149 6.70 -7.93 13.59
N PHE B 150 5.80 -8.88 13.38
CA PHE B 150 5.08 -9.01 12.13
C PHE B 150 3.61 -8.84 12.44
N VAL B 151 2.92 -8.07 11.62
CA VAL B 151 1.48 -7.90 11.80
C VAL B 151 0.81 -8.23 10.47
N THR B 152 -0.21 -9.08 10.54
CA THR B 152 -0.96 -9.50 9.35
C THR B 152 -2.39 -8.95 9.37
N PHE B 153 -2.77 -8.27 8.29
CA PHE B 153 -4.12 -7.70 8.16
C PHE B 153 -4.91 -8.56 7.20
N ASP B 154 -6.19 -8.24 7.01
CA ASP B 154 -7.02 -9.02 6.09
C ASP B 154 -7.21 -8.31 4.75
N ASP B 155 -6.57 -7.16 4.59
CA ASP B 155 -6.67 -6.37 3.37
C ASP B 155 -5.32 -5.74 3.03
N HIS B 156 -4.89 -5.89 1.78
CA HIS B 156 -3.61 -5.36 1.35
C HIS B 156 -3.58 -3.84 1.42
N ASP B 157 -4.75 -3.21 1.28
CA ASP B 157 -4.80 -1.75 1.34
C ASP B 157 -4.48 -1.23 2.74
N SER B 158 -4.74 -2.04 3.76
CA SER B 158 -4.40 -1.65 5.14
C SER B 158 -2.89 -1.49 5.19
N VAL B 159 -2.19 -2.48 4.65
CA VAL B 159 -0.73 -2.45 4.61
C VAL B 159 -0.22 -1.27 3.78
N ASP B 160 -0.82 -1.05 2.61
CA ASP B 160 -0.39 0.04 1.74
C ASP B 160 -0.61 1.42 2.39
N LYS B 161 -1.73 1.58 3.09
CA LYS B 161 -2.00 2.85 3.76
C LYS B 161 -0.91 3.12 4.79
N ILE B 162 -0.35 2.05 5.34
CA ILE B 162 0.70 2.16 6.34
C ILE B 162 2.06 2.49 5.76
N VAL B 163 2.57 1.60 4.92
CA VAL B 163 3.89 1.75 4.34
C VAL B 163 4.14 3.01 3.51
N ILE B 164 3.09 3.68 3.04
CA ILE B 164 3.32 4.88 2.27
C ILE B 164 3.66 6.07 3.18
N GLN B 165 3.51 5.88 4.49
CA GLN B 165 3.83 6.95 5.44
C GLN B 165 5.27 6.78 5.93
N LYS B 166 5.84 7.86 6.45
CA LYS B 166 7.23 7.81 6.90
C LYS B 166 7.43 7.42 8.36
N TYR B 167 6.51 7.83 9.23
CA TYR B 167 6.61 7.58 10.67
C TYR B 167 5.44 6.80 11.26
N HIS B 168 5.78 5.94 12.22
CA HIS B 168 4.78 5.11 12.90
C HIS B 168 5.23 5.00 14.36
N THR B 169 4.34 5.38 15.28
CA THR B 169 4.66 5.35 16.70
C THR B 169 4.04 4.19 17.47
N VAL B 170 4.89 3.32 18.00
CA VAL B 170 4.43 2.16 18.76
C VAL B 170 5.10 2.15 20.13
N ASN B 171 4.29 1.98 21.19
CA ASN B 171 4.82 1.94 22.54
C ASN B 171 5.68 3.18 22.81
N GLY B 172 5.16 4.34 22.44
CA GLY B 172 5.84 5.60 22.65
C GLY B 172 6.95 6.06 21.70
N HIS B 173 7.42 5.19 20.81
CA HIS B 173 8.50 5.60 19.92
C HIS B 173 8.34 5.19 18.47
N ASN B 174 9.06 5.87 17.58
CA ASN B 174 8.99 5.59 16.15
C ASN B 174 9.61 4.24 15.77
N CYS B 175 9.02 3.60 14.77
CA CYS B 175 9.53 2.32 14.29
C CYS B 175 9.43 2.29 12.77
N GLU B 176 10.26 1.47 12.13
CA GLU B 176 10.25 1.38 10.68
C GLU B 176 9.30 0.27 10.27
N VAL B 177 8.35 0.59 9.40
CA VAL B 177 7.37 -0.40 8.94
C VAL B 177 7.49 -0.58 7.43
N ARG B 178 7.68 -1.83 7.00
CA ARG B 178 7.83 -2.16 5.58
C ARG B 178 7.05 -3.42 5.23
N LYS B 179 6.78 -3.60 3.95
CA LYS B 179 6.08 -4.79 3.52
C LYS B 179 6.96 -5.99 3.91
N ALA B 180 6.33 -7.06 4.36
CA ALA B 180 7.07 -8.26 4.74
C ALA B 180 7.53 -8.96 3.48
N LEU B 181 8.78 -9.41 3.47
CA LEU B 181 9.37 -10.15 2.35
C LEU B 181 9.65 -11.55 2.87
N SER B 182 9.36 -12.56 2.05
CA SER B 182 9.57 -13.96 2.45
C SER B 182 11.04 -14.25 2.66
N LYS B 183 11.32 -15.42 3.23
CA LYS B 183 12.70 -15.84 3.45
C LYS B 183 13.49 -15.79 2.14
N GLN B 184 12.89 -16.30 1.07
CA GLN B 184 13.55 -16.32 -0.23
C GLN B 184 13.61 -14.95 -0.91
N GLU B 185 12.58 -14.14 -0.71
CA GLU B 185 12.57 -12.79 -1.30
C GLU B 185 13.72 -11.99 -0.69
N MET B 186 13.96 -12.20 0.59
CA MET B 186 15.03 -11.51 1.30
C MET B 186 16.41 -11.84 0.69
N ALA B 187 16.71 -13.13 0.55
CA ALA B 187 17.99 -13.58 -0.01
C ALA B 187 18.20 -13.16 -1.46
N SER B 188 17.10 -13.00 -2.20
CA SER B 188 17.19 -12.58 -3.60
C SER B 188 17.58 -11.11 -3.71
N ALA B 189 17.10 -10.32 -2.76
CA ALA B 189 17.38 -8.89 -2.74
C ALA B 189 18.57 -8.57 -1.84
N SER B 190 19.12 -9.59 -1.20
CA SER B 190 20.26 -9.41 -0.30
C SER B 190 21.57 -9.12 -1.01
#